data_6D2C
#
_entry.id   6D2C
#
_cell.length_a   82.488
_cell.length_b   102.117
_cell.length_c   103.708
_cell.angle_alpha   90.00
_cell.angle_beta   90.00
_cell.angle_gamma   90.00
#
_symmetry.space_group_name_H-M   'P 21 21 21'
#
loop_
_entity.id
_entity.type
_entity.pdbx_description
1 polymer 'Ulvan lyase'
2 non-polymer 'PHOSPHATE ION'
3 non-polymer 'CALCIUM ION'
4 non-polymer 1,2-ETHANEDIOL
5 water water
#
_entity_poly.entity_id   1
_entity_poly.type   'polypeptide(L)'
_entity_poly.pdbx_seq_one_letter_code
;(MSE)RKLKYNTTRVIL(MSE)IAFISLSACSSEDA(MSE)IEEEQVIPDPDPVAQTDEDTGPVVDCTNQGTNPTRDTDI
PNPRNIGDIDDRSCYANYSESSILGKFWGIYNITDGSNH(MSE)DAPNTLQPRIERSLSRSQATGAGSYARFRGVLRILE
VGDTGTFSSSGSYF(MSE)QAKGKHTGGGGSPDPAICLYRAHPVYGDDGNGNQVQVSFDIWREQINFRGGSGSAGRTEVF
LKNVLKNEQIDIELEVGFRDDPNNPGQTLHYADAKIGGEEFNWNIPEPERGIESGIRYGAYRVKGGRAQFRWANTSYTKD
EVN
;
_entity_poly.pdbx_strand_id   A,B
#
# COMPACT_ATOMS: atom_id res chain seq x y z
N GLN A 44 37.85 4.53 -6.91
CA GLN A 44 36.82 3.65 -6.33
C GLN A 44 35.46 3.90 -7.00
N THR A 45 34.91 2.85 -7.61
CA THR A 45 33.71 2.96 -8.44
C THR A 45 32.80 1.77 -8.24
N ASP A 46 31.47 2.00 -8.31
CA ASP A 46 30.54 0.87 -8.28
C ASP A 46 29.65 0.86 -9.54
N GLU A 47 30.19 1.40 -10.65
CA GLU A 47 29.48 1.54 -11.90
C GLU A 47 29.52 0.25 -12.70
N ASP A 48 28.37 -0.15 -13.23
CA ASP A 48 28.33 -1.21 -14.23
C ASP A 48 28.83 -0.66 -15.54
N THR A 49 29.87 -1.29 -16.12
CA THR A 49 30.33 -0.89 -17.46
C THR A 49 30.27 -2.03 -18.48
N GLY A 50 29.74 -3.19 -18.11
CA GLY A 50 29.64 -4.27 -19.04
C GLY A 50 28.57 -4.03 -20.09
N PRO A 51 28.38 -5.00 -21.00
CA PRO A 51 27.37 -4.87 -22.05
C PRO A 51 25.98 -4.73 -21.45
N VAL A 52 25.16 -3.94 -22.12
CA VAL A 52 23.77 -3.77 -21.73
C VAL A 52 23.02 -5.02 -22.19
N VAL A 53 22.45 -5.76 -21.24
CA VAL A 53 21.64 -6.91 -21.56
C VAL A 53 20.36 -6.74 -20.74
N ASP A 54 19.32 -7.50 -21.09
CA ASP A 54 18.06 -7.33 -20.38
C ASP A 54 18.03 -8.10 -19.07
N CYS A 55 18.62 -9.29 -18.99
N CYS A 55 18.77 -9.20 -18.96
CA CYS A 55 18.59 -10.03 -17.73
CA CYS A 55 18.58 -10.06 -17.80
C CYS A 55 19.97 -10.58 -17.41
C CYS A 55 19.91 -10.72 -17.41
N THR A 56 20.23 -10.71 -16.11
CA THR A 56 21.31 -11.56 -15.60
C THR A 56 20.71 -12.50 -14.57
N ASN A 57 21.38 -13.66 -14.39
CA ASN A 57 20.93 -14.59 -13.36
C ASN A 57 20.74 -13.89 -12.04
N GLN A 58 21.78 -13.15 -11.60
CA GLN A 58 21.79 -12.56 -10.28
C GLN A 58 20.72 -11.47 -10.13
N GLY A 59 20.23 -10.94 -11.23
CA GLY A 59 19.14 -9.98 -11.13
C GLY A 59 17.76 -10.57 -11.37
N THR A 60 17.64 -11.87 -11.64
CA THR A 60 16.34 -12.43 -12.01
C THR A 60 15.62 -12.88 -10.74
N ASN A 61 15.09 -11.89 -10.01
CA ASN A 61 14.36 -12.22 -8.77
C ASN A 61 13.02 -12.86 -9.09
N PRO A 62 12.55 -13.80 -8.26
CA PRO A 62 11.26 -14.45 -8.52
C PRO A 62 10.03 -13.66 -8.02
N THR A 63 10.19 -12.72 -7.11
CA THR A 63 9.08 -11.94 -6.56
C THR A 63 9.54 -10.49 -6.46
N ARG A 64 8.58 -9.54 -6.51
CA ARG A 64 8.96 -8.12 -6.42
C ARG A 64 9.56 -7.79 -5.06
N ASP A 65 9.22 -8.54 -4.04
CA ASP A 65 9.73 -8.20 -2.72
C ASP A 65 11.06 -8.85 -2.41
N THR A 66 11.82 -9.23 -3.41
CA THR A 66 13.14 -9.80 -3.16
C THR A 66 14.12 -8.72 -2.69
N ASP A 67 14.71 -8.91 -1.51
CA ASP A 67 15.60 -7.93 -0.89
C ASP A 67 16.79 -8.66 -0.24
N ILE A 68 17.80 -7.90 0.17
CA ILE A 68 18.90 -8.47 0.96
C ILE A 68 18.50 -8.40 2.43
N PRO A 69 19.20 -9.07 3.33
N PRO A 69 19.22 -9.07 3.34
CA PRO A 69 18.90 -8.90 4.76
CA PRO A 69 18.66 -9.31 4.69
C PRO A 69 19.39 -7.52 5.22
C PRO A 69 18.38 -8.07 5.54
N ASN A 70 18.61 -6.89 6.08
N ASN A 70 19.31 -7.09 5.59
CA ASN A 70 18.96 -5.60 6.68
CA ASN A 70 19.13 -5.88 6.40
C ASN A 70 19.50 -4.60 5.66
C ASN A 70 19.55 -4.66 5.57
N PRO A 71 18.70 -4.21 4.66
CA PRO A 71 19.12 -3.14 3.75
C PRO A 71 19.36 -1.83 4.46
N ARG A 72 20.34 -1.09 3.98
CA ARG A 72 20.58 0.24 4.56
C ARG A 72 19.58 1.27 4.11
N ASN A 73 19.12 1.16 2.85
CA ASN A 73 18.08 2.03 2.33
C ASN A 73 16.72 1.69 2.95
N ILE A 74 15.98 2.74 3.34
CA ILE A 74 14.68 2.61 4.01
C ILE A 74 13.58 2.41 2.98
N GLY A 75 12.53 1.69 3.37
CA GLY A 75 11.35 1.45 2.53
C GLY A 75 11.35 0.04 1.95
N ASP A 76 10.19 -0.36 1.44
CA ASP A 76 9.96 -1.75 1.01
C ASP A 76 10.35 -1.94 -0.46
N ILE A 77 11.18 -2.93 -0.75
CA ILE A 77 11.70 -3.10 -2.12
C ILE A 77 10.58 -3.49 -3.05
N ASP A 78 10.69 -3.07 -4.30
CA ASP A 78 9.72 -3.38 -5.37
C ASP A 78 10.61 -3.55 -6.62
N ASP A 79 11.07 -4.79 -6.85
CA ASP A 79 12.09 -5.11 -7.85
C ASP A 79 11.39 -5.69 -9.07
N ARG A 80 11.32 -4.91 -10.15
CA ARG A 80 10.73 -5.34 -11.40
C ARG A 80 11.72 -5.18 -12.54
N SER A 81 12.94 -5.70 -12.34
CA SER A 81 13.98 -5.72 -13.38
C SER A 81 14.77 -7.01 -13.21
N CYS A 82 14.89 -7.77 -14.28
CA CYS A 82 15.69 -8.98 -14.18
C CYS A 82 17.17 -8.67 -14.47
N TYR A 83 17.51 -7.39 -14.69
CA TYR A 83 18.91 -7.02 -14.93
C TYR A 83 19.72 -7.11 -13.65
N ALA A 84 19.15 -6.65 -12.53
CA ALA A 84 19.89 -6.59 -11.28
C ALA A 84 18.89 -6.72 -10.15
N ASN A 85 19.40 -7.01 -8.96
CA ASN A 85 18.64 -6.90 -7.74
C ASN A 85 19.26 -5.77 -6.94
N TYR A 86 18.52 -5.32 -5.93
CA TYR A 86 19.15 -4.40 -4.97
C TYR A 86 20.39 -5.04 -4.36
N SER A 87 21.46 -4.24 -4.27
CA SER A 87 22.71 -4.59 -3.59
C SER A 87 23.32 -3.32 -3.06
N GLU A 88 24.46 -3.44 -2.40
CA GLU A 88 25.06 -2.29 -1.74
C GLU A 88 26.55 -2.23 -2.01
N SER A 89 27.09 -1.01 -2.01
CA SER A 89 28.52 -0.85 -2.16
C SER A 89 29.03 -0.03 -0.99
N SER A 90 30.32 -0.13 -0.72
CA SER A 90 30.94 0.66 0.33
C SER A 90 31.99 1.51 -0.34
N ILE A 91 31.65 2.75 -0.71
CA ILE A 91 32.65 3.59 -1.36
C ILE A 91 32.38 5.03 -1.00
N LEU A 92 33.38 5.87 -1.24
CA LEU A 92 33.26 7.30 -1.02
C LEU A 92 32.90 7.61 0.42
N GLY A 93 33.21 6.71 1.35
CA GLY A 93 32.92 6.96 2.75
C GLY A 93 31.48 6.72 3.15
N LYS A 94 30.69 6.06 2.30
CA LYS A 94 29.29 5.82 2.58
C LYS A 94 28.91 4.43 2.11
N PHE A 95 27.72 4.02 2.54
CA PHE A 95 27.12 2.79 2.05
C PHE A 95 25.99 3.16 1.09
N TRP A 96 26.02 2.60 -0.11
CA TRP A 96 25.10 2.95 -1.20
C TRP A 96 24.22 1.76 -1.59
N GLY A 97 22.91 2.00 -1.66
CA GLY A 97 22.03 1.09 -2.36
C GLY A 97 22.20 1.30 -3.84
N ILE A 98 22.32 0.20 -4.57
CA ILE A 98 22.60 0.21 -6.00
C ILE A 98 21.29 -0.13 -6.73
N TYR A 99 20.86 0.74 -7.67
CA TYR A 99 19.61 0.55 -8.43
C TYR A 99 19.95 0.63 -9.93
N ASN A 100 20.13 -0.51 -10.59
CA ASN A 100 20.49 -0.58 -12.01
C ASN A 100 19.39 -1.27 -12.76
N ILE A 101 18.96 -0.70 -13.90
CA ILE A 101 17.94 -1.33 -14.70
C ILE A 101 18.28 -1.12 -16.18
N THR A 102 17.78 -2.00 -17.02
CA THR A 102 18.03 -1.89 -18.46
C THR A 102 16.72 -2.06 -19.23
N ASP A 103 16.77 -1.51 -20.45
CA ASP A 103 15.67 -1.62 -21.40
C ASP A 103 15.25 -3.06 -21.60
N GLY A 104 13.95 -3.31 -21.52
CA GLY A 104 13.47 -4.65 -21.77
C GLY A 104 13.59 -5.61 -20.62
N SER A 105 13.94 -5.15 -19.40
CA SER A 105 14.23 -6.06 -18.29
C SER A 105 13.05 -6.26 -17.35
N ASN A 106 11.85 -5.84 -17.74
CA ASN A 106 10.75 -5.95 -16.78
C ASN A 106 10.14 -7.34 -16.91
N HIS A 107 10.49 -8.24 -15.97
CA HIS A 107 9.94 -9.60 -15.95
C HIS A 107 8.82 -9.80 -14.93
N ASP A 109 6.00 -7.18 -14.31
CA ASP A 109 4.72 -6.72 -14.88
C ASP A 109 4.35 -7.51 -16.12
N ALA A 110 3.07 -7.49 -16.46
CA ALA A 110 2.66 -8.10 -17.73
C ALA A 110 3.45 -7.48 -18.87
N PRO A 111 3.76 -8.28 -19.90
CA PRO A 111 4.58 -7.79 -21.00
C PRO A 111 3.99 -6.56 -21.67
N ASN A 112 4.89 -5.71 -22.16
CA ASN A 112 4.54 -4.53 -22.92
C ASN A 112 3.58 -3.64 -22.16
N THR A 113 3.76 -3.53 -20.84
CA THR A 113 3.00 -2.56 -20.07
C THR A 113 3.99 -1.54 -19.52
N LEU A 114 4.37 -1.62 -18.24
CA LEU A 114 5.15 -0.62 -17.53
C LEU A 114 6.64 -0.82 -17.73
N GLN A 115 7.41 0.25 -17.55
CA GLN A 115 8.87 0.21 -17.65
C GLN A 115 9.48 -0.58 -16.49
N PRO A 116 10.67 -1.14 -16.68
CA PRO A 116 11.40 -1.78 -15.56
C PRO A 116 11.59 -0.80 -14.46
N ARG A 117 11.66 -1.33 -13.23
CA ARG A 117 12.00 -0.47 -12.09
C ARG A 117 12.64 -1.32 -11.01
N ILE A 118 13.41 -0.69 -10.13
CA ILE A 118 13.67 -1.23 -8.80
C ILE A 118 13.50 -0.02 -7.90
N GLU A 119 12.43 -0.01 -7.09
CA GLU A 119 12.14 1.14 -6.22
C GLU A 119 11.94 0.68 -4.80
N ARG A 120 11.96 1.60 -3.85
CA ARG A 120 11.48 1.32 -2.51
C ARG A 120 10.27 2.20 -2.28
N SER A 121 9.24 1.62 -1.72
CA SER A 121 8.06 2.41 -1.38
C SER A 121 8.08 2.81 0.08
N LEU A 122 7.51 3.97 0.37
CA LEU A 122 7.52 4.54 1.70
C LEU A 122 6.08 4.69 2.17
N SER A 123 5.80 4.34 3.43
CA SER A 123 4.43 4.41 3.94
C SER A 123 3.81 5.80 3.70
N ARG A 124 2.69 5.86 3.01
CA ARG A 124 2.12 7.14 2.60
C ARG A 124 1.44 7.87 3.79
N SER A 125 1.45 9.19 3.73
CA SER A 125 0.76 10.05 4.68
C SER A 125 -0.70 10.11 4.24
N GLN A 126 -1.56 9.37 4.92
CA GLN A 126 -2.94 9.27 4.48
C GLN A 126 -3.80 10.28 5.24
N ALA A 127 -3.52 11.55 5.02
CA ALA A 127 -4.31 12.63 5.62
C ALA A 127 -4.15 13.88 4.77
N THR A 128 -5.08 14.81 4.90
CA THR A 128 -5.04 15.97 4.04
C THR A 128 -5.12 17.28 4.79
N GLY A 129 -5.13 17.26 6.12
CA GLY A 129 -5.06 18.51 6.86
C GLY A 129 -3.68 19.15 6.76
N ALA A 130 -3.66 20.48 6.84
CA ALA A 130 -2.43 21.25 6.92
C ALA A 130 -1.49 20.66 7.96
N GLY A 131 -0.23 20.45 7.57
CA GLY A 131 0.72 19.78 8.44
C GLY A 131 0.94 18.30 8.11
N SER A 132 0.09 17.70 7.30
CA SER A 132 0.34 16.33 6.84
C SER A 132 1.47 16.35 5.80
N TYR A 133 2.37 15.36 5.88
CA TYR A 133 3.43 15.29 4.89
C TYR A 133 4.09 13.92 4.89
N ALA A 134 4.76 13.63 3.78
CA ALA A 134 5.71 12.54 3.58
C ALA A 134 7.05 13.17 3.24
N ARG A 135 8.11 12.80 3.97
CA ARG A 135 9.41 13.44 3.81
C ARG A 135 10.53 12.42 3.68
N PHE A 136 11.15 12.39 2.49
CA PHE A 136 12.28 11.54 2.17
C PHE A 136 13.55 12.37 2.02
N ARG A 137 14.67 11.85 2.51
CA ARG A 137 15.96 12.47 2.28
C ARG A 137 16.97 11.40 1.95
N GLY A 138 17.98 11.77 1.17
CA GLY A 138 19.07 10.82 0.92
C GLY A 138 20.16 11.53 0.15
N VAL A 139 21.23 10.80 -0.14
CA VAL A 139 22.30 11.28 -0.99
C VAL A 139 22.30 10.47 -2.26
N LEU A 140 22.30 11.15 -3.39
CA LEU A 140 22.17 10.49 -4.70
C LEU A 140 23.45 10.62 -5.49
N ARG A 141 23.84 9.55 -6.19
CA ARG A 141 24.78 9.67 -7.30
C ARG A 141 24.07 9.14 -8.54
N ILE A 142 24.22 9.84 -9.63
CA ILE A 142 23.73 9.36 -10.93
C ILE A 142 24.91 8.94 -11.77
N LEU A 143 24.88 7.71 -12.27
CA LEU A 143 25.97 7.18 -13.10
C LEU A 143 25.58 7.02 -14.55
N GLU A 144 24.31 6.77 -14.85
CA GLU A 144 23.87 6.51 -16.22
C GLU A 144 22.36 6.62 -16.22
N VAL A 145 21.79 7.05 -17.36
CA VAL A 145 20.34 7.06 -17.50
C VAL A 145 19.96 6.58 -18.89
N GLY A 146 18.69 6.18 -19.03
CA GLY A 146 18.22 5.71 -20.33
C GLY A 146 18.28 6.79 -21.40
N ASP A 147 18.41 6.35 -22.63
CA ASP A 147 18.52 7.26 -23.75
C ASP A 147 17.95 6.58 -24.98
N THR A 148 16.96 7.22 -25.62
CA THR A 148 16.46 6.78 -26.92
C THR A 148 16.91 7.69 -28.04
N GLY A 149 17.60 8.78 -27.75
CA GLY A 149 17.87 9.77 -28.76
C GLY A 149 16.77 10.78 -29.01
N THR A 150 15.59 10.62 -28.38
CA THR A 150 14.49 11.58 -28.43
C THR A 150 14.13 11.96 -27.00
N PHE A 151 14.06 13.26 -26.72
CA PHE A 151 13.94 13.70 -25.33
C PHE A 151 12.75 13.08 -24.60
N SER A 152 11.59 13.07 -25.26
N SER A 152 11.60 13.07 -25.25
CA SER A 152 10.35 12.72 -24.58
CA SER A 152 10.36 12.73 -24.55
C SER A 152 10.33 11.27 -24.11
C SER A 152 10.32 11.26 -24.12
N SER A 153 11.16 10.41 -24.68
CA SER A 153 11.25 9.03 -24.23
C SER A 153 12.59 8.71 -23.55
N SER A 154 13.48 9.69 -23.41
CA SER A 154 14.78 9.43 -22.79
C SER A 154 14.71 9.75 -21.29
N GLY A 155 15.82 9.55 -20.58
CA GLY A 155 15.88 9.85 -19.15
C GLY A 155 15.26 8.78 -18.27
N SER A 156 15.61 8.81 -16.97
CA SER A 156 15.16 7.79 -16.04
C SER A 156 14.87 8.46 -14.71
N TYR A 157 13.90 7.93 -13.99
CA TYR A 157 13.47 8.52 -12.73
C TYR A 157 14.23 7.95 -11.55
N PHE A 158 14.67 8.83 -10.66
CA PHE A 158 15.27 8.38 -9.42
C PHE A 158 14.34 8.48 -8.22
N GLN A 160 9.84 9.72 -7.10
CA GLN A 160 8.57 10.21 -7.60
C GLN A 160 7.61 10.45 -6.44
N ALA A 161 6.70 11.39 -6.65
CA ALA A 161 5.61 11.66 -5.75
C ALA A 161 4.33 11.04 -6.32
N LYS A 162 3.56 10.38 -5.45
CA LYS A 162 2.31 9.73 -5.85
C LYS A 162 1.25 10.08 -4.83
N GLY A 163 0.01 9.79 -5.16
CA GLY A 163 -1.04 10.05 -4.19
C GLY A 163 -2.37 9.89 -4.93
N LYS A 164 -3.29 9.11 -4.36
CA LYS A 164 -4.58 8.88 -4.99
C LYS A 164 -5.46 10.11 -4.80
N HIS A 165 -6.55 10.16 -5.58
CA HIS A 165 -7.44 11.31 -5.52
C HIS A 165 -8.87 10.85 -5.70
N THR A 166 -9.81 11.72 -5.31
CA THR A 166 -11.24 11.44 -5.48
C THR A 166 -11.68 11.83 -6.89
N GLY A 167 -12.74 11.20 -7.37
CA GLY A 167 -13.40 11.59 -8.61
C GLY A 167 -12.92 10.90 -9.88
N GLY A 168 -12.03 9.90 -9.80
CA GLY A 168 -11.57 9.24 -11.00
C GLY A 168 -10.52 10.05 -11.76
N GLY A 169 -10.20 9.59 -12.95
CA GLY A 169 -9.17 10.19 -13.80
C GLY A 169 -7.84 9.54 -13.52
N GLY A 170 -7.20 8.99 -14.54
CA GLY A 170 -5.88 8.38 -14.35
C GLY A 170 -5.94 6.91 -14.00
N SER A 171 -4.75 6.33 -13.82
CA SER A 171 -4.71 4.92 -13.45
C SER A 171 -5.14 4.81 -11.99
N PRO A 172 -5.44 3.62 -11.51
CA PRO A 172 -5.97 3.52 -10.14
C PRO A 172 -4.98 3.96 -9.08
N ASP A 173 -3.66 3.96 -9.35
CA ASP A 173 -2.68 4.48 -8.40
C ASP A 173 -1.76 5.41 -9.16
N PRO A 174 -2.20 6.65 -9.39
CA PRO A 174 -1.55 7.52 -10.37
C PRO A 174 -0.39 8.32 -9.79
N ALA A 175 0.61 8.56 -10.63
CA ALA A 175 1.70 9.44 -10.25
C ALA A 175 1.20 10.87 -10.20
N ILE A 176 1.89 11.65 -9.38
CA ILE A 176 1.71 13.11 -9.31
C ILE A 176 2.87 13.83 -10.00
N CYS A 177 4.10 13.53 -9.60
CA CYS A 177 5.23 14.03 -10.36
C CYS A 177 6.43 13.10 -10.15
N LEU A 178 7.35 13.13 -11.14
CA LEU A 178 8.54 12.28 -11.12
C LEU A 178 9.77 13.14 -11.43
N TYR A 179 10.91 12.72 -10.92
CA TYR A 179 12.17 13.45 -11.08
C TYR A 179 13.03 12.65 -12.05
N ARG A 180 13.12 13.16 -13.29
CA ARG A 180 13.56 12.44 -14.47
C ARG A 180 14.91 13.02 -14.89
N ALA A 181 15.93 12.21 -14.88
CA ALA A 181 17.28 12.65 -15.20
C ALA A 181 17.59 12.27 -16.64
N HIS A 182 18.01 13.24 -17.42
CA HIS A 182 18.33 13.12 -18.82
C HIS A 182 19.81 13.20 -19.03
N PRO A 183 20.36 12.50 -20.03
CA PRO A 183 21.82 12.46 -20.21
C PRO A 183 22.34 13.68 -20.96
N VAL A 184 23.51 14.13 -20.55
CA VAL A 184 24.33 15.12 -21.26
C VAL A 184 25.64 14.44 -21.58
N TYR A 185 26.02 14.46 -22.88
CA TYR A 185 27.18 13.73 -23.40
C TYR A 185 28.40 14.63 -23.49
N GLY A 186 29.56 13.99 -23.39
CA GLY A 186 30.84 14.68 -23.52
C GLY A 186 31.88 13.64 -23.90
N ASP A 187 33.03 14.11 -24.35
CA ASP A 187 34.06 13.17 -24.74
C ASP A 187 34.72 12.54 -23.52
N ASP A 188 35.12 11.28 -23.64
CA ASP A 188 35.73 10.56 -22.54
C ASP A 188 37.24 10.74 -22.46
N GLY A 189 37.83 11.48 -23.38
CA GLY A 189 39.27 11.63 -23.44
C GLY A 189 39.94 10.79 -24.51
N ASN A 190 39.18 9.94 -25.20
CA ASN A 190 39.71 9.08 -26.23
C ASN A 190 38.83 9.10 -27.48
N GLY A 191 37.95 10.10 -27.61
CA GLY A 191 37.17 10.27 -28.81
C GLY A 191 35.76 9.71 -28.79
N ASN A 192 35.29 9.23 -27.65
CA ASN A 192 33.97 8.60 -27.52
C ASN A 192 33.05 9.52 -26.72
N GLN A 193 31.84 9.69 -27.22
CA GLN A 193 30.82 10.46 -26.51
C GLN A 193 30.23 9.57 -25.42
N VAL A 194 30.30 10.02 -24.17
CA VAL A 194 29.71 9.27 -23.07
C VAL A 194 28.87 10.22 -22.22
N GLN A 195 28.05 9.66 -21.33
CA GLN A 195 27.26 10.48 -20.42
C GLN A 195 28.18 11.07 -19.36
N VAL A 196 28.24 12.40 -19.30
CA VAL A 196 29.10 13.11 -18.36
C VAL A 196 28.31 13.87 -17.33
N SER A 197 27.05 14.21 -17.60
CA SER A 197 26.27 14.89 -16.58
C SER A 197 24.79 14.65 -16.90
N PHE A 198 23.91 15.17 -16.06
CA PHE A 198 22.49 14.82 -16.10
C PHE A 198 21.65 16.05 -15.82
N ASP A 199 20.77 16.37 -16.76
CA ASP A 199 19.77 17.42 -16.57
C ASP A 199 18.57 16.82 -15.84
N ILE A 200 18.26 17.33 -14.66
CA ILE A 200 17.12 16.83 -13.90
C ILE A 200 15.91 17.70 -14.21
N TRP A 201 14.84 17.06 -14.67
CA TRP A 201 13.57 17.66 -15.01
C TRP A 201 12.50 17.08 -14.10
N ARG A 202 11.46 17.84 -13.80
CA ARG A 202 10.29 17.31 -13.09
C ARG A 202 9.19 17.08 -14.11
N GLU A 203 8.73 15.83 -14.20
CA GLU A 203 7.60 15.46 -15.03
C GLU A 203 6.37 15.54 -14.15
N GLN A 204 5.43 16.43 -14.46
CA GLN A 204 4.36 16.74 -13.50
C GLN A 204 3.00 16.69 -14.16
N ILE A 205 1.98 16.32 -13.38
CA ILE A 205 0.64 16.25 -13.95
C ILE A 205 0.16 17.67 -14.27
N ASN A 206 -0.60 17.79 -15.35
CA ASN A 206 -1.33 19.02 -15.59
C ASN A 206 -2.62 19.10 -14.79
N PHE A 207 -3.19 17.96 -14.45
CA PHE A 207 -4.46 17.81 -13.72
C PHE A 207 -4.40 16.40 -13.12
N ARG A 208 -5.26 16.14 -12.14
CA ARG A 208 -5.19 14.85 -11.45
C ARG A 208 -5.32 13.69 -12.42
N GLY A 209 -4.40 12.74 -12.32
CA GLY A 209 -4.43 11.58 -13.17
C GLY A 209 -3.87 11.80 -14.55
N GLY A 210 -3.39 12.99 -14.86
CA GLY A 210 -2.88 13.23 -16.21
C GLY A 210 -1.72 12.31 -16.56
N SER A 211 -1.66 11.92 -17.85
CA SER A 211 -0.56 11.14 -18.41
C SER A 211 -0.39 11.51 -19.88
N GLY A 212 0.76 11.13 -20.46
CA GLY A 212 0.99 11.36 -21.87
C GLY A 212 1.23 12.84 -22.18
N SER A 213 1.27 13.13 -23.49
CA SER A 213 1.66 14.47 -23.96
C SER A 213 0.70 15.54 -23.47
N ALA A 214 -0.60 15.27 -23.50
CA ALA A 214 -1.58 16.23 -23.03
C ALA A 214 -1.69 16.25 -21.51
N GLY A 215 -1.29 15.17 -20.83
CA GLY A 215 -1.60 15.10 -19.40
C GLY A 215 -0.46 15.52 -18.47
N ARG A 216 0.76 15.69 -18.98
CA ARG A 216 1.91 16.02 -18.14
C ARG A 216 2.84 17.01 -18.83
N THR A 217 3.55 17.78 -18.00
CA THR A 217 4.50 18.79 -18.45
C THR A 217 5.86 18.57 -17.82
N GLU A 218 6.90 18.96 -18.53
CA GLU A 218 8.29 18.79 -18.13
C GLU A 218 8.86 20.16 -17.70
N VAL A 219 9.41 20.25 -16.49
CA VAL A 219 9.98 21.51 -16.01
C VAL A 219 11.44 21.26 -15.67
N PHE A 220 12.37 22.00 -16.33
CA PHE A 220 13.79 21.77 -16.06
C PHE A 220 14.17 22.32 -14.69
N LEU A 221 14.91 21.51 -13.94
CA LEU A 221 15.34 21.88 -12.60
C LEU A 221 16.82 22.26 -12.61
N LYS A 222 17.73 21.29 -12.76
CA LYS A 222 19.14 21.68 -12.71
C LYS A 222 20.01 20.52 -13.19
N ASN A 223 21.28 20.80 -13.47
CA ASN A 223 22.22 19.81 -13.97
C ASN A 223 23.11 19.35 -12.83
N VAL A 224 23.45 18.06 -12.82
CA VAL A 224 24.39 17.50 -11.84
C VAL A 224 25.39 16.63 -12.59
N LEU A 225 26.63 16.59 -12.09
CA LEU A 225 27.68 15.85 -12.77
C LEU A 225 27.54 14.36 -12.46
N LYS A 226 28.03 13.55 -13.38
CA LYS A 226 28.11 12.11 -13.16
C LYS A 226 28.92 11.83 -11.89
N ASN A 227 28.41 10.95 -11.05
CA ASN A 227 29.05 10.50 -9.84
C ASN A 227 29.17 11.58 -8.78
N GLU A 228 28.68 12.78 -9.04
CA GLU A 228 28.70 13.78 -7.99
C GLU A 228 27.68 13.41 -6.92
N GLN A 229 28.04 13.54 -5.64
CA GLN A 229 27.13 13.22 -4.53
C GLN A 229 26.20 14.41 -4.32
N ILE A 230 24.90 14.17 -4.42
CA ILE A 230 23.88 15.21 -4.42
C ILE A 230 22.98 15.00 -3.21
N ASP A 231 22.90 15.98 -2.32
CA ASP A 231 21.89 15.92 -1.27
C ASP A 231 20.49 16.07 -1.86
N ILE A 232 19.57 15.19 -1.44
CA ILE A 232 18.19 15.15 -1.96
C ILE A 232 17.22 15.26 -0.79
N GLU A 233 16.22 16.12 -0.94
CA GLU A 233 15.02 16.06 -0.12
C GLU A 233 13.78 16.12 -0.99
N LEU A 234 12.75 15.36 -0.61
CA LEU A 234 11.47 15.46 -1.27
C LEU A 234 10.42 15.45 -0.19
N GLU A 235 9.60 16.48 -0.14
CA GLU A 235 8.51 16.51 0.83
C GLU A 235 7.21 16.73 0.08
N VAL A 236 6.26 15.82 0.28
CA VAL A 236 4.96 15.93 -0.36
C VAL A 236 3.94 16.06 0.78
N GLY A 237 3.11 17.10 0.73
CA GLY A 237 2.29 17.37 1.92
C GLY A 237 1.22 18.40 1.65
N PHE A 238 0.49 18.76 2.70
CA PHE A 238 -0.58 19.75 2.63
C PHE A 238 -0.21 20.89 3.59
N ARG A 239 -0.37 22.13 3.14
CA ARG A 239 -0.10 23.25 4.02
C ARG A 239 -1.22 24.27 3.82
N ASP A 240 -1.37 25.19 4.77
CA ASP A 240 -2.41 26.21 4.64
C ASP A 240 -2.12 27.09 3.42
N ASP A 241 -3.15 27.36 2.65
CA ASP A 241 -3.06 28.27 1.50
C ASP A 241 -3.10 29.72 1.95
N PRO A 242 -1.99 30.46 1.81
CA PRO A 242 -2.02 31.89 2.24
C PRO A 242 -3.15 32.69 1.58
N ASN A 243 -3.30 32.58 0.26
CA ASN A 243 -4.31 33.34 -0.47
C ASN A 243 -5.74 32.95 -0.15
N ASN A 244 -5.99 31.86 0.58
CA ASN A 244 -7.36 31.43 0.87
C ASN A 244 -7.47 30.91 2.30
N PRO A 245 -8.06 31.68 3.20
CA PRO A 245 -8.05 31.34 4.63
C PRO A 245 -8.25 29.86 4.92
N GLY A 246 -9.42 29.31 4.57
CA GLY A 246 -9.74 27.94 4.92
C GLY A 246 -9.27 26.85 3.97
N GLN A 247 -8.56 27.18 2.90
CA GLN A 247 -8.20 26.18 1.90
C GLN A 247 -6.79 25.63 2.13
N THR A 248 -6.52 24.54 1.44
CA THR A 248 -5.25 23.83 1.59
C THR A 248 -4.52 23.84 0.26
N LEU A 249 -3.18 23.79 0.32
CA LEU A 249 -2.35 23.54 -0.85
C LEU A 249 -1.68 22.17 -0.68
N HIS A 250 -1.60 21.41 -1.78
CA HIS A 250 -0.92 20.11 -1.84
C HIS A 250 0.37 20.35 -2.63
N TYR A 251 1.51 20.11 -2.00
CA TYR A 251 2.80 20.46 -2.59
C TYR A 251 3.69 19.25 -2.73
N ALA A 252 4.60 19.33 -3.71
CA ALA A 252 5.73 18.41 -3.84
C ALA A 252 6.94 19.32 -3.96
N ASP A 253 7.65 19.49 -2.86
CA ASP A 253 8.78 20.42 -2.80
C ASP A 253 10.07 19.62 -2.67
N ALA A 254 11.00 19.85 -3.59
CA ALA A 254 12.25 19.12 -3.60
C ALA A 254 13.41 20.05 -3.26
N LYS A 255 14.45 19.50 -2.68
CA LYS A 255 15.73 20.18 -2.59
C LYS A 255 16.75 19.30 -3.30
N ILE A 256 17.48 19.87 -4.25
CA ILE A 256 18.46 19.10 -5.01
C ILE A 256 19.79 19.83 -4.92
N GLY A 257 20.76 19.21 -4.25
CA GLY A 257 22.07 19.83 -4.10
C GLY A 257 22.01 21.24 -3.56
N GLY A 258 21.17 21.46 -2.54
CA GLY A 258 21.07 22.74 -1.89
C GLY A 258 20.09 23.72 -2.52
N GLU A 259 19.52 23.42 -3.68
CA GLU A 259 18.59 24.33 -4.33
C GLU A 259 17.15 23.85 -4.18
N GLU A 260 16.23 24.77 -3.90
CA GLU A 260 14.80 24.42 -3.74
C GLU A 260 14.08 24.41 -5.08
N PHE A 261 13.20 23.41 -5.29
CA PHE A 261 12.33 23.37 -6.48
C PHE A 261 10.97 22.98 -5.92
N ASN A 262 10.14 23.99 -5.65
CA ASN A 262 8.85 23.84 -5.00
C ASN A 262 7.75 23.89 -6.04
N TRP A 263 6.66 23.17 -5.76
CA TRP A 263 5.63 23.08 -6.78
C TRP A 263 4.34 22.70 -6.11
N ASN A 264 3.25 23.34 -6.53
CA ASN A 264 1.94 23.03 -5.97
C ASN A 264 1.18 22.13 -6.94
N ILE A 265 0.64 21.06 -6.39
CA ILE A 265 -0.05 20.01 -7.14
C ILE A 265 -1.45 20.52 -7.51
N PRO A 266 -1.89 20.31 -8.73
CA PRO A 266 -3.22 20.82 -9.12
C PRO A 266 -4.34 20.15 -8.36
N GLU A 267 -5.41 20.93 -8.14
CA GLU A 267 -6.63 20.46 -7.50
C GLU A 267 -6.31 19.86 -6.13
N PRO A 268 -5.77 20.65 -5.22
CA PRO A 268 -5.41 20.08 -3.90
C PRO A 268 -6.58 19.45 -3.18
N GLU A 269 -7.80 19.89 -3.47
CA GLU A 269 -8.98 19.41 -2.74
C GLU A 269 -9.35 17.98 -3.14
N ARG A 270 -8.81 17.46 -4.24
CA ARG A 270 -9.09 16.09 -4.60
C ARG A 270 -8.07 15.08 -4.04
N GLY A 271 -6.91 15.53 -3.57
CA GLY A 271 -5.93 14.58 -3.05
C GLY A 271 -6.37 13.96 -1.74
N ILE A 272 -6.08 12.67 -1.57
CA ILE A 272 -6.39 12.02 -0.30
C ILE A 272 -5.13 11.67 0.49
N GLU A 273 -3.94 11.84 -0.09
CA GLU A 273 -2.74 11.33 0.58
C GLU A 273 -1.52 11.90 -0.13
N SER A 274 -0.36 11.67 0.49
CA SER A 274 0.94 12.03 -0.06
C SER A 274 1.90 10.85 0.06
N GLY A 275 2.52 10.46 -1.06
CA GLY A 275 3.40 9.29 -1.06
C GLY A 275 4.65 9.56 -1.87
N ILE A 276 5.69 8.78 -1.53
CA ILE A 276 7.00 8.92 -2.18
C ILE A 276 7.55 7.54 -2.50
N ARG A 277 8.21 7.42 -3.63
CA ARG A 277 8.96 6.22 -3.98
C ARG A 277 10.31 6.64 -4.52
N TYR A 278 11.35 5.82 -4.30
CA TYR A 278 12.63 6.20 -4.89
C TYR A 278 13.41 4.97 -5.34
N GLY A 279 14.41 5.20 -6.17
CA GLY A 279 15.20 4.09 -6.68
C GLY A 279 15.63 4.36 -8.09
N ALA A 280 15.10 3.53 -8.99
CA ALA A 280 15.31 3.65 -10.43
C ALA A 280 14.06 3.16 -11.15
N TYR A 281 13.62 3.91 -12.17
CA TYR A 281 12.39 3.57 -12.89
C TYR A 281 12.49 4.22 -14.26
N ARG A 282 12.09 3.46 -15.29
CA ARG A 282 12.05 3.90 -16.69
C ARG A 282 13.41 3.87 -17.36
N VAL A 283 13.51 3.14 -18.47
CA VAL A 283 14.77 3.00 -19.21
C VAL A 283 14.40 2.53 -20.62
N LYS A 284 13.97 3.46 -21.46
CA LYS A 284 13.41 3.07 -22.78
C LYS A 284 14.46 2.77 -23.81
N GLY A 285 15.72 3.06 -23.50
CA GLY A 285 16.83 2.56 -24.27
C GLY A 285 18.04 2.54 -23.34
N GLY A 286 18.85 1.49 -23.43
CA GLY A 286 20.08 1.45 -22.65
C GLY A 286 19.89 1.04 -21.20
N ARG A 287 20.55 1.77 -20.29
CA ARG A 287 20.72 1.34 -18.90
C ARG A 287 20.62 2.58 -17.99
N ALA A 288 20.07 2.40 -16.79
CA ALA A 288 20.04 3.46 -15.80
C ALA A 288 20.70 2.95 -14.54
N GLN A 289 21.47 3.82 -13.90
CA GLN A 289 22.24 3.47 -12.69
C GLN A 289 22.13 4.59 -11.69
N PHE A 290 21.44 4.36 -10.59
CA PHE A 290 21.33 5.34 -9.51
C PHE A 290 21.88 4.74 -8.22
N ARG A 291 22.41 5.60 -7.35
CA ARG A 291 23.01 5.16 -6.09
C ARG A 291 22.40 6.00 -4.98
N TRP A 292 21.99 5.36 -3.88
CA TRP A 292 21.34 6.07 -2.78
C TRP A 292 21.99 5.77 -1.43
N ALA A 293 22.38 6.80 -0.70
CA ALA A 293 22.95 6.58 0.63
C ALA A 293 22.21 7.42 1.66
N ASN A 294 22.34 7.00 2.92
CA ASN A 294 21.88 7.80 4.07
C ASN A 294 20.44 8.22 3.90
N THR A 295 19.59 7.27 3.50
CA THR A 295 18.19 7.60 3.28
C THR A 295 17.44 7.68 4.59
N SER A 296 16.43 8.56 4.65
CA SER A 296 15.58 8.64 5.81
C SER A 296 14.19 9.00 5.33
N TYR A 297 13.22 8.63 6.14
CA TYR A 297 11.82 8.88 5.80
C TYR A 297 11.05 9.15 7.09
N THR A 298 10.25 10.20 7.11
CA THR A 298 9.30 10.42 8.19
C THR A 298 8.00 10.94 7.58
N LYS A 299 6.91 10.86 8.35
CA LYS A 299 5.64 11.37 7.86
C LYS A 299 4.82 11.91 9.02
N ASP A 300 3.79 12.68 8.69
CA ASP A 300 2.82 13.09 9.69
C ASP A 300 1.46 13.06 9.04
N GLU A 301 0.46 12.65 9.81
CA GLU A 301 -0.93 12.65 9.34
C GLU A 301 -1.70 13.57 10.27
N VAL A 302 -2.20 14.67 9.72
CA VAL A 302 -2.92 15.68 10.48
C VAL A 302 -4.25 15.89 9.80
N ASN A 303 -5.34 15.77 10.56
CA ASN A 303 -6.63 15.97 9.92
C ASN A 303 -7.07 17.43 9.97
N GLN B 44 -7.86 -18.41 31.37
CA GLN B 44 -9.04 -19.06 30.80
C GLN B 44 -9.67 -18.17 29.73
N THR B 45 -9.67 -16.86 29.99
CA THR B 45 -10.36 -15.90 29.15
C THR B 45 -9.52 -14.64 28.99
N ASP B 46 -9.59 -14.03 27.79
CA ASP B 46 -8.97 -12.76 27.50
C ASP B 46 -10.01 -11.74 27.04
N GLU B 47 -11.26 -11.88 27.50
CA GLU B 47 -12.33 -10.99 27.09
C GLU B 47 -12.32 -9.72 27.95
N ASP B 48 -12.47 -8.55 27.30
CA ASP B 48 -12.77 -7.31 28.02
C ASP B 48 -14.19 -7.35 28.55
N THR B 49 -14.37 -7.16 29.86
CA THR B 49 -15.71 -7.08 30.43
C THR B 49 -15.98 -5.77 31.17
N GLY B 50 -15.07 -4.82 31.12
CA GLY B 50 -15.31 -3.56 31.75
C GLY B 50 -16.31 -2.71 30.98
N PRO B 51 -16.63 -1.54 31.54
CA PRO B 51 -17.59 -0.64 30.88
C PRO B 51 -17.10 -0.30 29.49
N VAL B 52 -18.04 -0.14 28.55
CA VAL B 52 -17.69 0.30 27.20
C VAL B 52 -17.41 1.79 27.26
N VAL B 53 -16.21 2.20 26.83
CA VAL B 53 -15.88 3.63 26.72
C VAL B 53 -15.25 3.85 25.33
N ASP B 54 -15.17 5.12 24.90
CA ASP B 54 -14.65 5.34 23.55
C ASP B 54 -13.10 5.38 23.48
N CYS B 55 -12.41 6.08 24.41
N CYS B 55 -12.44 5.98 24.46
CA CYS B 55 -10.94 6.11 24.45
CA CYS B 55 -10.99 5.98 24.50
C CYS B 55 -10.41 5.72 25.83
C CYS B 55 -10.50 5.51 25.86
N THR B 56 -9.28 5.00 25.86
CA THR B 56 -8.53 4.79 27.10
C THR B 56 -7.11 5.23 26.86
N ASN B 57 -6.42 5.60 27.94
CA ASN B 57 -5.00 5.92 27.85
C ASN B 57 -4.24 4.83 27.12
N GLN B 58 -4.39 3.56 27.54
CA GLN B 58 -3.58 2.51 26.95
C GLN B 58 -3.88 2.30 25.45
N GLY B 59 -5.06 2.68 24.98
CA GLY B 59 -5.34 2.50 23.57
C GLY B 59 -5.12 3.73 22.71
N THR B 60 -4.67 4.85 23.26
CA THR B 60 -4.59 6.09 22.49
C THR B 60 -3.20 6.14 21.84
N ASN B 61 -3.05 5.37 20.75
CA ASN B 61 -1.80 5.34 19.99
C ASN B 61 -1.62 6.64 19.21
N PRO B 62 -0.39 7.14 19.08
CA PRO B 62 -0.20 8.42 18.38
C PRO B 62 -0.16 8.29 16.86
N THR B 63 0.08 7.10 16.31
CA THR B 63 0.15 6.91 14.87
C THR B 63 -0.52 5.59 14.54
N ARG B 64 -0.97 5.47 13.30
CA ARG B 64 -1.65 4.23 12.93
C ARG B 64 -0.70 3.03 12.99
N ASP B 65 0.60 3.24 12.80
CA ASP B 65 1.52 2.11 12.72
C ASP B 65 2.06 1.69 14.07
N THR B 66 1.38 2.01 15.17
CA THR B 66 1.82 1.62 16.50
C THR B 66 1.60 0.14 16.73
N ASP B 67 2.68 -0.60 17.05
CA ASP B 67 2.63 -2.05 17.13
C ASP B 67 3.46 -2.47 18.33
N ILE B 68 3.37 -3.73 18.71
CA ILE B 68 4.28 -4.27 19.73
C ILE B 68 5.53 -4.77 19.03
N PRO B 69 6.63 -5.04 19.74
N PRO B 69 6.65 -5.00 19.73
CA PRO B 69 7.76 -5.71 19.08
CA PRO B 69 7.93 -5.23 19.01
C PRO B 69 7.37 -7.13 18.71
C PRO B 69 7.95 -6.37 18.00
N ASN B 70 7.83 -7.57 17.55
N ASN B 70 7.48 -7.57 18.36
CA ASN B 70 7.64 -8.95 17.11
CA ASN B 70 7.54 -8.74 17.47
C ASN B 70 6.21 -9.47 17.34
C ASN B 70 6.17 -9.42 17.43
N PRO B 71 5.21 -8.84 16.72
CA PRO B 71 3.84 -9.40 16.78
C PRO B 71 3.79 -10.79 16.16
N ARG B 72 2.96 -11.65 16.75
CA ARG B 72 2.78 -12.98 16.16
C ARG B 72 1.84 -12.96 14.96
N ASN B 73 0.85 -12.07 14.94
CA ASN B 73 0.02 -11.91 13.74
C ASN B 73 0.80 -11.25 12.59
N ILE B 74 0.63 -11.78 11.38
CA ILE B 74 1.31 -11.28 10.20
C ILE B 74 0.57 -10.08 9.61
N GLY B 75 1.33 -9.21 8.96
CA GLY B 75 0.82 -8.03 8.28
C GLY B 75 1.09 -6.76 9.08
N ASP B 76 0.91 -5.62 8.41
CA ASP B 76 1.26 -4.32 8.99
C ASP B 76 0.08 -3.72 9.74
N ILE B 77 0.32 -3.27 10.99
CA ILE B 77 -0.79 -2.80 11.83
C ILE B 77 -1.32 -1.47 11.29
N ASP B 78 -2.62 -1.24 11.52
CA ASP B 78 -3.33 -0.02 11.11
C ASP B 78 -4.35 0.21 12.26
N ASP B 79 -3.90 0.93 13.31
CA ASP B 79 -4.64 1.07 14.55
C ASP B 79 -5.35 2.40 14.49
N ARG B 80 -6.66 2.37 14.27
CA ARG B 80 -7.51 3.56 14.26
C ARG B 80 -8.60 3.44 15.30
N SER B 81 -8.21 3.07 16.54
CA SER B 81 -9.13 3.06 17.68
C SER B 81 -8.37 3.49 18.92
N CYS B 82 -8.90 4.51 19.63
CA CYS B 82 -8.24 4.89 20.88
C CYS B 82 -8.70 4.03 22.04
N TYR B 83 -9.54 3.04 21.76
CA TYR B 83 -10.02 2.16 22.82
C TYR B 83 -8.92 1.23 23.31
N ALA B 84 -8.18 0.66 22.38
CA ALA B 84 -7.18 -0.34 22.68
C ALA B 84 -6.09 -0.28 21.63
N ASN B 85 -4.96 -0.92 21.94
CA ASN B 85 -3.92 -1.17 20.95
C ASN B 85 -3.85 -2.67 20.69
N TYR B 86 -3.16 -3.05 19.61
CA TYR B 86 -2.88 -4.47 19.44
C TYR B 86 -2.10 -4.97 20.66
N SER B 87 -2.51 -6.12 21.18
CA SER B 87 -1.78 -6.83 22.23
C SER B 87 -2.02 -8.31 22.02
N GLU B 88 -1.42 -9.16 22.88
CA GLU B 88 -1.50 -10.60 22.68
C GLU B 88 -1.84 -11.32 23.97
N SER B 89 -2.47 -12.47 23.81
CA SER B 89 -2.78 -13.31 24.96
C SER B 89 -2.22 -14.71 24.71
N SER B 90 -2.03 -15.44 25.81
CA SER B 90 -1.61 -16.83 25.74
C SER B 90 -2.69 -17.69 26.42
N ILE B 91 -3.63 -18.24 25.65
CA ILE B 91 -4.70 -19.06 26.22
C ILE B 91 -5.14 -20.08 25.18
N LEU B 92 -5.88 -21.09 25.65
CA LEU B 92 -6.37 -22.17 24.81
C LEU B 92 -5.25 -22.85 24.05
N GLY B 93 -4.02 -22.78 24.56
CA GLY B 93 -2.92 -23.44 23.91
C GLY B 93 -2.37 -22.74 22.69
N LYS B 94 -2.71 -21.46 22.48
CA LYS B 94 -2.24 -20.68 21.35
C LYS B 94 -1.96 -19.27 21.84
N PHE B 95 -1.32 -18.51 20.96
CA PHE B 95 -1.08 -17.07 21.15
C PHE B 95 -2.01 -16.26 20.25
N TRP B 96 -2.75 -15.33 20.84
CA TRP B 96 -3.81 -14.61 20.13
C TRP B 96 -3.47 -13.14 20.01
N GLY B 97 -3.64 -12.60 18.80
CA GLY B 97 -3.72 -11.17 18.67
C GLY B 97 -5.12 -10.72 19.06
N ILE B 98 -5.17 -9.64 19.82
CA ILE B 98 -6.39 -9.09 20.41
C ILE B 98 -6.74 -7.81 19.64
N TYR B 99 -7.95 -7.74 19.06
CA TYR B 99 -8.42 -6.56 18.30
C TYR B 99 -9.75 -6.12 18.94
N ASN B 100 -9.70 -5.10 19.81
CA ASN B 100 -10.88 -4.62 20.52
C ASN B 100 -11.14 -3.18 20.10
N ILE B 101 -12.38 -2.87 19.69
CA ILE B 101 -12.70 -1.50 19.30
C ILE B 101 -14.07 -1.15 19.85
N THR B 102 -14.30 0.14 20.04
CA THR B 102 -15.58 0.61 20.53
C THR B 102 -16.13 1.75 19.68
N ASP B 103 -17.45 1.86 19.73
CA ASP B 103 -18.16 2.95 19.08
C ASP B 103 -17.57 4.29 19.48
N GLY B 104 -17.32 5.12 18.48
CA GLY B 104 -16.83 6.47 18.74
C GLY B 104 -15.35 6.58 19.04
N SER B 105 -14.57 5.51 18.83
CA SER B 105 -13.16 5.50 19.23
C SER B 105 -12.21 5.80 18.09
N ASN B 106 -12.67 6.32 16.95
CA ASN B 106 -11.70 6.55 15.86
C ASN B 106 -11.07 7.92 16.01
N HIS B 107 -9.84 7.95 16.52
CA HIS B 107 -9.07 9.19 16.69
C HIS B 107 -8.09 9.40 15.56
N ASP B 109 -8.79 8.78 11.78
CA ASP B 109 -9.43 9.36 10.61
C ASP B 109 -10.04 10.69 10.99
N ALA B 110 -10.27 11.54 9.99
CA ALA B 110 -10.97 12.78 10.22
C ALA B 110 -12.33 12.50 10.87
N PRO B 111 -12.80 13.40 11.73
CA PRO B 111 -14.03 13.13 12.49
C PRO B 111 -15.23 12.87 11.58
N ASN B 112 -16.13 12.00 12.04
CA ASN B 112 -17.37 11.67 11.33
C ASN B 112 -17.12 11.16 9.91
N THR B 113 -16.08 10.34 9.73
CA THR B 113 -15.90 9.71 8.44
C THR B 113 -16.01 8.20 8.68
N LEU B 114 -14.91 7.48 8.76
CA LEU B 114 -14.87 6.02 8.78
C LEU B 114 -15.04 5.47 10.18
N GLN B 115 -15.45 4.20 10.27
CA GLN B 115 -15.61 3.54 11.55
C GLN B 115 -14.25 3.27 12.18
N PRO B 116 -14.19 3.12 13.51
CA PRO B 116 -12.95 2.67 14.14
C PRO B 116 -12.49 1.33 13.59
N ARG B 117 -11.17 1.12 13.60
CA ARG B 117 -10.66 -0.21 13.21
C ARG B 117 -9.32 -0.45 13.92
N ILE B 118 -8.95 -1.71 14.06
CA ILE B 118 -7.56 -2.09 14.23
C ILE B 118 -7.41 -3.26 13.29
N GLU B 119 -6.69 -3.05 12.16
CA GLU B 119 -6.55 -4.14 11.19
C GLU B 119 -5.07 -4.35 10.90
N ARG B 120 -4.76 -5.46 10.26
CA ARG B 120 -3.46 -5.68 9.64
C ARG B 120 -3.68 -5.77 8.15
N SER B 121 -2.85 -5.08 7.40
CA SER B 121 -2.91 -5.14 5.94
C SER B 121 -1.83 -6.11 5.43
N LEU B 122 -2.15 -6.78 4.33
CA LEU B 122 -1.32 -7.82 3.75
C LEU B 122 -0.92 -7.41 2.34
N SER B 123 0.35 -7.62 2.00
CA SER B 123 0.87 -7.22 0.70
C SER B 123 0.02 -7.73 -0.45
N ARG B 124 -0.50 -6.83 -1.28
CA ARG B 124 -1.50 -7.28 -2.25
C ARG B 124 -0.86 -8.01 -3.42
N SER B 125 -1.63 -8.93 -4.00
CA SER B 125 -1.25 -9.61 -5.24
C SER B 125 -1.59 -8.71 -6.43
N GLN B 126 -0.59 -8.05 -6.98
CA GLN B 126 -0.82 -7.05 -8.02
C GLN B 126 -0.61 -7.66 -9.40
N ALA B 127 -1.48 -8.61 -9.71
CA ALA B 127 -1.45 -9.27 -11.00
C ALA B 127 -2.85 -9.79 -11.25
N THR B 128 -3.17 -10.01 -12.52
CA THR B 128 -4.53 -10.40 -12.90
C THR B 128 -4.61 -11.69 -13.70
N GLY B 129 -3.48 -12.36 -13.97
CA GLY B 129 -3.52 -13.62 -14.69
C GLY B 129 -4.02 -14.76 -13.84
N ALA B 130 -4.68 -15.72 -14.51
CA ALA B 130 -5.11 -16.92 -13.81
C ALA B 130 -3.94 -17.48 -13.01
N GLY B 131 -4.20 -17.82 -11.76
CA GLY B 131 -3.17 -18.29 -10.84
C GLY B 131 -2.68 -17.24 -9.85
N SER B 132 -2.97 -15.95 -10.09
CA SER B 132 -2.67 -14.91 -9.09
C SER B 132 -3.60 -15.05 -7.89
N TYR B 133 -3.07 -14.86 -6.68
CA TYR B 133 -3.95 -14.89 -5.53
C TYR B 133 -3.27 -14.22 -4.34
N ALA B 134 -4.10 -13.87 -3.35
CA ALA B 134 -3.73 -13.54 -1.98
C ALA B 134 -4.42 -14.56 -1.10
N ARG B 135 -3.68 -15.18 -0.18
CA ARG B 135 -4.25 -16.26 0.63
C ARG B 135 -3.90 -16.03 2.10
N PHE B 136 -4.93 -15.74 2.89
CA PHE B 136 -4.80 -15.56 4.34
C PHE B 136 -5.44 -16.74 5.05
N ARG B 137 -4.82 -17.21 6.13
CA ARG B 137 -5.41 -18.24 6.97
C ARG B 137 -5.20 -17.86 8.42
N GLY B 138 -6.11 -18.29 9.28
CA GLY B 138 -5.85 -18.09 10.69
C GLY B 138 -6.93 -18.79 11.49
N VAL B 139 -6.84 -18.67 12.81
CA VAL B 139 -7.89 -19.16 13.71
C VAL B 139 -8.51 -17.95 14.42
N LEU B 140 -9.83 -17.86 14.37
CA LEU B 140 -10.58 -16.73 14.87
C LEU B 140 -11.38 -17.16 16.09
N ARG B 141 -11.42 -16.31 17.11
CA ARG B 141 -12.48 -16.38 18.11
C ARG B 141 -13.25 -15.06 18.07
N ILE B 142 -14.57 -15.14 18.11
CA ILE B 142 -15.39 -13.93 18.25
C ILE B 142 -15.94 -13.88 19.66
N LEU B 143 -15.69 -12.76 20.35
CA LEU B 143 -16.17 -12.59 21.70
C LEU B 143 -17.28 -11.59 21.79
N GLU B 144 -17.26 -10.58 20.91
CA GLU B 144 -18.28 -9.53 21.01
C GLU B 144 -18.27 -8.77 19.69
N VAL B 145 -19.44 -8.24 19.28
CA VAL B 145 -19.52 -7.44 18.05
C VAL B 145 -20.41 -6.23 18.31
N GLY B 146 -20.29 -5.22 17.43
CA GLY B 146 -21.10 -4.02 17.57
C GLY B 146 -22.58 -4.33 17.43
N ASP B 147 -23.40 -3.52 18.11
CA ASP B 147 -24.86 -3.72 18.12
C ASP B 147 -25.49 -2.36 18.35
N THR B 148 -26.35 -1.93 17.43
CA THR B 148 -27.14 -0.73 17.59
C THR B 148 -28.59 -1.08 17.91
N GLY B 149 -28.94 -2.35 17.96
CA GLY B 149 -30.33 -2.72 18.05
C GLY B 149 -31.04 -2.75 16.71
N THR B 150 -30.35 -2.34 15.64
CA THR B 150 -30.89 -2.39 14.28
C THR B 150 -29.95 -3.22 13.39
N PHE B 151 -30.51 -4.21 12.68
CA PHE B 151 -29.64 -5.13 11.94
C PHE B 151 -28.72 -4.38 10.99
N SER B 152 -29.30 -3.50 10.15
N SER B 152 -29.29 -3.50 10.16
CA SER B 152 -28.54 -2.90 9.07
CA SER B 152 -28.53 -2.89 9.07
C SER B 152 -27.28 -2.19 9.55
C SER B 152 -27.27 -2.19 9.55
N SER B 153 -27.26 -1.69 10.78
CA SER B 153 -26.13 -0.91 11.28
C SER B 153 -25.35 -1.66 12.34
N SER B 154 -25.70 -2.90 12.60
CA SER B 154 -25.04 -3.70 13.62
C SER B 154 -23.94 -4.58 12.99
N GLY B 155 -23.25 -5.30 13.86
CA GLY B 155 -22.21 -6.21 13.43
C GLY B 155 -20.89 -5.52 13.19
N SER B 156 -19.84 -6.34 13.12
CA SER B 156 -18.47 -5.86 12.99
C SER B 156 -17.73 -6.78 12.06
N TYR B 157 -16.80 -6.24 11.29
CA TYR B 157 -16.05 -7.04 10.35
C TYR B 157 -14.79 -7.56 11.00
N PHE B 158 -14.48 -8.85 10.74
CA PHE B 158 -13.21 -9.42 11.17
C PHE B 158 -12.23 -9.61 10.01
N GLN B 160 -11.68 -8.55 5.37
CA GLN B 160 -12.27 -8.04 4.15
C GLN B 160 -11.32 -8.28 2.98
N ALA B 161 -11.93 -8.37 1.81
CA ALA B 161 -11.23 -8.44 0.56
C ALA B 161 -11.32 -7.06 -0.09
N LYS B 162 -10.19 -6.61 -0.63
CA LYS B 162 -10.12 -5.33 -1.31
C LYS B 162 -9.36 -5.47 -2.63
N GLY B 163 -9.41 -4.43 -3.45
CA GLY B 163 -8.69 -4.46 -4.70
C GLY B 163 -9.16 -3.31 -5.56
N LYS B 164 -8.21 -2.55 -6.08
CA LYS B 164 -8.54 -1.42 -6.93
C LYS B 164 -8.92 -1.93 -8.32
N HIS B 165 -9.55 -1.05 -9.09
CA HIS B 165 -10.02 -1.45 -10.42
C HIS B 165 -9.91 -0.24 -11.35
N THR B 166 -9.96 -0.52 -12.64
CA THR B 166 -9.85 0.54 -13.62
C THR B 166 -11.23 1.13 -13.89
N GLY B 167 -11.25 2.34 -14.42
CA GLY B 167 -12.49 2.95 -14.88
C GLY B 167 -13.27 3.78 -13.88
N GLY B 168 -12.74 4.03 -12.68
CA GLY B 168 -13.45 4.83 -11.69
C GLY B 168 -14.55 4.07 -10.96
N GLY B 169 -15.30 4.82 -10.14
CA GLY B 169 -16.36 4.25 -9.32
C GLY B 169 -15.88 3.86 -7.93
N GLY B 170 -16.53 4.35 -6.88
CA GLY B 170 -16.15 3.97 -5.52
C GLY B 170 -15.10 4.91 -4.98
N SER B 171 -14.71 4.65 -3.74
CA SER B 171 -13.65 5.41 -3.12
C SER B 171 -12.30 5.01 -3.74
N PRO B 172 -11.24 5.79 -3.54
CA PRO B 172 -10.01 5.52 -4.28
C PRO B 172 -9.34 4.18 -3.93
N ASP B 173 -9.66 3.57 -2.79
CA ASP B 173 -9.16 2.21 -2.47
C ASP B 173 -10.37 1.42 -1.97
N PRO B 174 -11.20 0.92 -2.88
CA PRO B 174 -12.54 0.46 -2.47
C PRO B 174 -12.56 -0.99 -2.02
N ALA B 175 -13.44 -1.25 -1.07
CA ALA B 175 -13.65 -2.62 -0.64
C ALA B 175 -14.36 -3.42 -1.74
N ILE B 176 -14.11 -4.73 -1.72
CA ILE B 176 -14.77 -5.70 -2.58
C ILE B 176 -15.81 -6.51 -1.82
N CYS B 177 -15.40 -7.13 -0.70
CA CYS B 177 -16.42 -7.72 0.17
C CYS B 177 -15.85 -7.81 1.58
N LEU B 178 -16.74 -7.81 2.57
CA LEU B 178 -16.33 -7.84 3.97
C LEU B 178 -17.11 -8.93 4.66
N TYR B 179 -16.54 -9.45 5.75
CA TYR B 179 -17.14 -10.54 6.51
C TYR B 179 -17.57 -10.01 7.85
N ARG B 180 -18.90 -9.88 8.01
CA ARG B 180 -19.55 -9.09 9.05
C ARG B 180 -20.28 -10.02 10.03
N ALA B 181 -19.87 -9.97 11.30
CA ALA B 181 -20.43 -10.85 12.33
C ALA B 181 -21.46 -10.05 13.15
N HIS B 182 -22.69 -10.60 13.27
CA HIS B 182 -23.86 -10.03 13.93
C HIS B 182 -24.17 -10.78 15.21
N PRO B 183 -24.62 -10.08 16.25
CA PRO B 183 -24.84 -10.75 17.54
C PRO B 183 -26.13 -11.55 17.59
N VAL B 184 -26.06 -12.69 18.26
CA VAL B 184 -27.25 -13.46 18.64
C VAL B 184 -27.21 -13.55 20.15
N TYR B 185 -28.31 -13.14 20.79
CA TYR B 185 -28.40 -13.04 22.25
C TYR B 185 -28.99 -14.30 22.85
N GLY B 186 -28.60 -14.56 24.09
CA GLY B 186 -29.15 -15.63 24.88
C GLY B 186 -28.95 -15.29 26.35
N ASP B 187 -29.64 -16.02 27.21
CA ASP B 187 -29.50 -15.75 28.64
C ASP B 187 -28.16 -16.27 29.13
N ASP B 188 -27.60 -15.56 30.10
CA ASP B 188 -26.31 -15.87 30.70
C ASP B 188 -26.40 -16.84 31.87
N GLY B 189 -27.61 -17.22 32.28
CA GLY B 189 -27.81 -18.06 33.43
C GLY B 189 -28.25 -17.33 34.68
N ASN B 190 -28.33 -15.99 34.62
CA ASN B 190 -28.73 -15.16 35.75
C ASN B 190 -29.76 -14.12 35.33
N GLY B 191 -30.37 -14.31 34.16
CA GLY B 191 -31.44 -13.44 33.72
C GLY B 191 -31.06 -12.32 32.78
N ASN B 192 -29.81 -12.28 32.33
CA ASN B 192 -29.32 -11.21 31.46
C ASN B 192 -29.11 -11.75 30.06
N GLN B 193 -29.58 -11.01 29.07
CA GLN B 193 -29.34 -11.34 27.67
C GLN B 193 -27.94 -10.88 27.30
N VAL B 194 -27.13 -11.81 26.80
CA VAL B 194 -25.77 -11.49 26.38
C VAL B 194 -25.52 -12.11 25.02
N GLN B 195 -24.44 -11.66 24.37
CA GLN B 195 -24.09 -12.22 23.08
C GLN B 195 -23.54 -13.62 23.26
N VAL B 196 -24.23 -14.59 22.67
CA VAL B 196 -23.82 -15.99 22.81
C VAL B 196 -23.36 -16.58 21.50
N SER B 197 -23.78 -16.04 20.36
CA SER B 197 -23.24 -16.57 19.11
C SER B 197 -23.32 -15.47 18.08
N PHE B 198 -22.87 -15.76 16.86
CA PHE B 198 -22.64 -14.70 15.87
C PHE B 198 -23.00 -15.20 14.50
N ASP B 199 -23.90 -14.50 13.83
CA ASP B 199 -24.24 -14.80 12.45
C ASP B 199 -23.28 -14.05 11.55
N ILE B 200 -22.58 -14.78 10.70
CA ILE B 200 -21.61 -14.21 9.77
C ILE B 200 -22.27 -14.04 8.42
N TRP B 201 -22.23 -12.82 7.95
CA TRP B 201 -22.75 -12.36 6.68
C TRP B 201 -21.62 -11.84 5.81
N ARG B 202 -21.73 -11.97 4.49
CA ARG B 202 -20.80 -11.32 3.57
C ARG B 202 -21.48 -10.11 2.97
N GLU B 203 -20.85 -8.96 3.12
CA GLU B 203 -21.28 -7.71 2.52
C GLU B 203 -20.45 -7.54 1.25
N GLN B 204 -21.10 -7.57 0.09
CA GLN B 204 -20.37 -7.73 -1.17
C GLN B 204 -20.83 -6.71 -2.21
N ILE B 205 -19.90 -6.27 -3.05
CA ILE B 205 -20.24 -5.30 -4.08
C ILE B 205 -21.15 -5.94 -5.12
N ASN B 206 -22.12 -5.14 -5.62
CA ASN B 206 -22.91 -5.48 -6.80
C ASN B 206 -22.18 -5.15 -8.10
N PHE B 207 -21.28 -4.17 -8.03
CA PHE B 207 -20.48 -3.68 -9.14
C PHE B 207 -19.27 -3.00 -8.51
N ARG B 208 -18.24 -2.83 -9.33
CA ARG B 208 -17.00 -2.28 -8.79
C ARG B 208 -17.23 -0.95 -8.12
N GLY B 209 -16.71 -0.80 -6.90
CA GLY B 209 -16.85 0.47 -6.19
C GLY B 209 -18.20 0.66 -5.51
N GLY B 210 -19.09 -0.33 -5.60
CA GLY B 210 -20.42 -0.18 -5.02
C GLY B 210 -20.37 0.02 -3.51
N SER B 211 -21.30 0.83 -3.03
CA SER B 211 -21.46 1.06 -1.60
C SER B 211 -22.94 1.30 -1.31
N GLY B 212 -23.30 1.21 -0.03
CA GLY B 212 -24.67 1.51 0.40
C GLY B 212 -25.67 0.45 -0.05
N SER B 213 -26.94 0.77 0.14
CA SER B 213 -28.02 -0.17 -0.15
C SER B 213 -28.02 -0.61 -1.61
N ALA B 214 -27.80 0.33 -2.52
CA ALA B 214 -27.85 0.03 -3.93
C ALA B 214 -26.58 -0.65 -4.41
N GLY B 215 -25.48 -0.46 -3.69
CA GLY B 215 -24.21 -0.89 -4.23
C GLY B 215 -23.65 -2.19 -3.68
N ARG B 216 -24.23 -2.69 -2.59
CA ARG B 216 -23.76 -3.91 -1.94
C ARG B 216 -24.93 -4.78 -1.55
N THR B 217 -24.68 -6.07 -1.53
CA THR B 217 -25.67 -7.09 -1.17
C THR B 217 -25.15 -7.83 0.06
N GLU B 218 -26.07 -8.25 0.92
CA GLU B 218 -25.72 -8.94 2.15
C GLU B 218 -26.17 -10.39 2.02
N VAL B 219 -25.24 -11.32 2.25
CA VAL B 219 -25.47 -12.76 2.08
C VAL B 219 -25.10 -13.47 3.38
N PHE B 220 -26.05 -14.17 3.96
CA PHE B 220 -25.78 -14.90 5.18
C PHE B 220 -24.91 -16.11 4.89
N LEU B 221 -23.90 -16.32 5.72
CA LEU B 221 -22.97 -17.44 5.57
C LEU B 221 -23.24 -18.49 6.63
N LYS B 222 -22.95 -18.22 7.91
CA LYS B 222 -23.17 -19.26 8.91
C LYS B 222 -23.04 -18.67 10.30
N ASN B 223 -23.51 -19.41 11.30
CA ASN B 223 -23.45 -19.02 12.70
C ASN B 223 -22.26 -19.71 13.35
N VAL B 224 -21.58 -19.01 14.26
CA VAL B 224 -20.51 -19.61 15.06
C VAL B 224 -20.71 -19.16 16.51
N LEU B 225 -20.38 -20.03 17.45
CA LEU B 225 -20.59 -19.72 18.85
C LEU B 225 -19.52 -18.78 19.38
N LYS B 226 -19.88 -18.02 20.42
CA LYS B 226 -18.90 -17.21 21.16
C LYS B 226 -17.76 -18.08 21.71
N ASN B 227 -16.53 -17.60 21.54
N ASN B 227 -16.53 -17.60 21.59
CA ASN B 227 -15.28 -18.20 22.02
CA ASN B 227 -15.37 -18.32 22.16
C ASN B 227 -14.97 -19.54 21.37
C ASN B 227 -14.88 -19.44 21.23
N GLU B 228 -15.76 -20.00 20.41
CA GLU B 228 -15.37 -21.16 19.60
C GLU B 228 -14.19 -20.82 18.71
N GLN B 229 -13.19 -21.70 18.64
CA GLN B 229 -12.05 -21.45 17.76
C GLN B 229 -12.42 -21.87 16.35
N ILE B 230 -12.37 -20.94 15.41
CA ILE B 230 -12.87 -21.14 14.06
C ILE B 230 -11.73 -21.04 13.07
N ASP B 231 -11.52 -22.11 12.30
CA ASP B 231 -10.54 -22.08 11.22
C ASP B 231 -11.04 -21.17 10.11
N ILE B 232 -10.17 -20.28 9.65
CA ILE B 232 -10.49 -19.29 8.61
C ILE B 232 -9.52 -19.42 7.46
N GLU B 233 -10.07 -19.39 6.25
CA GLU B 233 -9.27 -19.11 5.07
C GLU B 233 -9.98 -18.06 4.24
N LEU B 234 -9.22 -17.13 3.67
CA LEU B 234 -9.77 -16.25 2.65
C LEU B 234 -8.77 -16.20 1.52
N GLU B 235 -9.22 -16.55 0.31
CA GLU B 235 -8.37 -16.47 -0.86
C GLU B 235 -9.06 -15.60 -1.88
N VAL B 236 -8.36 -14.56 -2.33
CA VAL B 236 -8.86 -13.62 -3.32
C VAL B 236 -7.92 -13.71 -4.52
N GLY B 237 -8.46 -14.01 -5.70
CA GLY B 237 -7.53 -14.32 -6.79
C GLY B 237 -8.23 -14.39 -8.12
N PHE B 238 -7.45 -14.74 -9.15
CA PHE B 238 -7.96 -14.86 -10.51
C PHE B 238 -7.76 -16.28 -10.99
N ARG B 239 -8.78 -16.84 -11.65
CA ARG B 239 -8.67 -18.19 -12.16
C ARG B 239 -9.31 -18.24 -13.55
N ASP B 240 -8.96 -19.26 -14.32
CA ASP B 240 -9.56 -19.38 -15.64
C ASP B 240 -11.07 -19.56 -15.51
N ASP B 241 -11.81 -18.87 -16.34
CA ASP B 241 -13.26 -19.03 -16.44
C ASP B 241 -13.58 -20.28 -17.24
N PRO B 242 -14.13 -21.33 -16.63
CA PRO B 242 -14.46 -22.54 -17.42
C PRO B 242 -15.38 -22.26 -18.60
N ASN B 243 -16.48 -21.56 -18.36
CA ASN B 243 -17.47 -21.30 -19.40
C ASN B 243 -16.95 -20.36 -20.47
N ASN B 244 -15.79 -19.74 -20.27
CA ASN B 244 -15.19 -18.86 -21.28
C ASN B 244 -13.67 -19.07 -21.26
N PRO B 245 -13.14 -19.90 -22.19
CA PRO B 245 -11.74 -20.34 -22.10
C PRO B 245 -10.71 -19.27 -21.73
N GLY B 246 -10.57 -18.23 -22.57
CA GLY B 246 -9.47 -17.30 -22.37
C GLY B 246 -9.68 -16.18 -21.37
N GLN B 247 -10.84 -16.14 -20.71
CA GLN B 247 -11.19 -15.08 -19.76
C GLN B 247 -10.91 -15.56 -18.33
N THR B 248 -10.92 -14.62 -17.40
CA THR B 248 -10.70 -14.96 -16.00
C THR B 248 -11.94 -14.61 -15.19
N LEU B 249 -12.03 -15.27 -14.05
CA LEU B 249 -12.93 -14.96 -12.96
C LEU B 249 -12.07 -14.41 -11.82
N HIS B 250 -12.59 -13.38 -11.16
CA HIS B 250 -11.99 -12.80 -9.98
C HIS B 250 -12.84 -13.27 -8.79
N TYR B 251 -12.24 -14.00 -7.86
CA TYR B 251 -12.99 -14.64 -6.79
C TYR B 251 -12.53 -14.17 -5.42
N ALA B 252 -13.44 -14.22 -4.46
CA ALA B 252 -13.14 -14.10 -3.03
C ALA B 252 -13.77 -15.34 -2.40
N ASP B 253 -12.97 -16.35 -2.13
CA ASP B 253 -13.44 -17.63 -1.64
C ASP B 253 -13.00 -17.80 -0.20
N ALA B 254 -13.96 -18.02 0.68
CA ALA B 254 -13.69 -18.15 2.10
C ALA B 254 -13.98 -19.58 2.58
N LYS B 255 -13.25 -19.99 3.62
CA LYS B 255 -13.61 -21.17 4.40
C LYS B 255 -13.78 -20.73 5.84
N ILE B 256 -14.92 -21.10 6.44
CA ILE B 256 -15.21 -20.72 7.81
C ILE B 256 -15.62 -21.96 8.55
N GLY B 257 -14.82 -22.38 9.52
CA GLY B 257 -15.13 -23.60 10.27
C GLY B 257 -15.33 -24.81 9.39
N GLY B 258 -14.52 -24.94 8.36
CA GLY B 258 -14.60 -26.09 7.51
C GLY B 258 -15.60 -25.98 6.38
N GLU B 259 -16.44 -24.94 6.33
CA GLU B 259 -17.43 -24.82 5.26
C GLU B 259 -16.97 -23.77 4.25
N GLU B 260 -17.13 -24.08 2.96
CA GLU B 260 -16.73 -23.16 1.88
C GLU B 260 -17.83 -22.16 1.56
N PHE B 261 -17.44 -20.89 1.33
CA PHE B 261 -18.34 -19.85 0.88
C PHE B 261 -17.64 -19.16 -0.28
N ASN B 262 -17.94 -19.62 -1.49
CA ASN B 262 -17.23 -19.12 -2.67
C ASN B 262 -18.07 -18.06 -3.35
N TRP B 263 -17.38 -17.09 -3.95
CA TRP B 263 -18.08 -15.98 -4.56
C TRP B 263 -17.23 -15.38 -5.66
N ASN B 264 -17.86 -15.06 -6.81
CA ASN B 264 -17.16 -14.43 -7.91
C ASN B 264 -17.45 -12.94 -7.87
N ILE B 265 -16.38 -12.17 -7.96
CA ILE B 265 -16.43 -10.70 -7.91
C ILE B 265 -16.90 -10.16 -9.25
N PRO B 266 -17.80 -9.17 -9.26
CA PRO B 266 -18.30 -8.64 -10.53
C PRO B 266 -17.22 -7.89 -11.30
N GLU B 267 -17.38 -7.92 -12.62
CA GLU B 267 -16.50 -7.22 -13.55
C GLU B 267 -15.04 -7.65 -13.33
N PRO B 268 -14.75 -8.93 -13.46
CA PRO B 268 -13.37 -9.38 -13.19
C PRO B 268 -12.35 -8.67 -14.07
N GLU B 269 -12.77 -8.21 -15.26
CA GLU B 269 -11.82 -7.61 -16.20
C GLU B 269 -11.38 -6.21 -15.76
N ARG B 270 -12.08 -5.53 -14.82
CA ARG B 270 -11.61 -4.23 -14.35
C ARG B 270 -10.68 -4.31 -13.13
N GLY B 271 -10.63 -5.45 -12.43
CA GLY B 271 -9.80 -5.55 -11.24
C GLY B 271 -8.33 -5.60 -11.62
N ILE B 272 -7.49 -4.92 -10.83
CA ILE B 272 -6.05 -4.96 -11.08
C ILE B 272 -5.28 -5.73 -10.03
N GLU B 273 -5.92 -6.20 -8.94
CA GLU B 273 -5.19 -6.80 -7.82
C GLU B 273 -6.14 -7.51 -6.88
N SER B 274 -5.55 -8.26 -5.96
CA SER B 274 -6.28 -8.92 -4.90
C SER B 274 -5.62 -8.63 -3.57
N GLY B 275 -6.41 -8.12 -2.62
CA GLY B 275 -5.89 -7.79 -1.30
C GLY B 275 -6.80 -8.27 -0.20
N ILE B 276 -6.20 -8.43 0.98
CA ILE B 276 -6.87 -8.91 2.17
C ILE B 276 -6.44 -8.04 3.35
N ARG B 277 -7.39 -7.73 4.24
CA ARG B 277 -7.06 -7.15 5.54
C ARG B 277 -7.81 -7.94 6.59
N TYR B 278 -7.29 -7.97 7.82
CA TYR B 278 -8.08 -8.62 8.87
C TYR B 278 -7.85 -7.94 10.20
N GLY B 279 -8.73 -8.22 11.15
CA GLY B 279 -8.61 -7.57 12.46
C GLY B 279 -9.99 -7.30 13.05
N ALA B 280 -10.32 -6.02 13.29
CA ALA B 280 -11.65 -5.62 13.75
C ALA B 280 -11.94 -4.28 13.10
N TYR B 281 -13.14 -4.11 12.56
CA TYR B 281 -13.49 -2.86 11.87
C TYR B 281 -15.02 -2.73 11.94
N ARG B 282 -15.50 -1.52 12.24
CA ARG B 282 -16.92 -1.18 12.30
C ARG B 282 -17.51 -1.58 13.65
N VAL B 283 -18.08 -0.60 14.35
CA VAL B 283 -18.68 -0.85 15.66
C VAL B 283 -19.61 0.35 15.93
N LYS B 284 -20.78 0.34 15.32
CA LYS B 284 -21.66 1.52 15.36
C LYS B 284 -22.41 1.62 16.68
N GLY B 285 -22.35 0.60 17.50
CA GLY B 285 -22.76 0.67 18.88
C GLY B 285 -22.03 -0.37 19.70
N GLY B 286 -21.63 -0.02 20.92
CA GLY B 286 -21.02 -1.03 21.80
C GLY B 286 -19.54 -1.27 21.45
N ARG B 287 -19.17 -2.54 21.40
CA ARG B 287 -17.77 -2.97 21.37
C ARG B 287 -17.63 -4.22 20.51
N ALA B 288 -16.52 -4.33 19.81
CA ALA B 288 -16.17 -5.54 19.08
C ALA B 288 -14.87 -6.09 19.65
N GLN B 289 -14.80 -7.42 19.74
CA GLN B 289 -13.63 -8.13 20.27
C GLN B 289 -13.46 -9.38 19.41
N PHE B 290 -12.38 -9.34 18.63
CA PHE B 290 -11.95 -10.46 17.81
C PHE B 290 -10.56 -10.87 18.26
N ARG B 291 -10.26 -12.16 18.11
CA ARG B 291 -8.97 -12.79 18.49
C ARG B 291 -8.48 -13.60 17.31
N TRP B 292 -7.19 -13.43 16.96
CA TRP B 292 -6.63 -14.11 15.79
C TRP B 292 -5.36 -14.85 16.18
N ALA B 293 -5.31 -16.15 15.88
CA ALA B 293 -4.11 -16.94 16.15
C ALA B 293 -3.64 -17.64 14.90
N ASN B 294 -2.35 -18.01 14.91
CA ASN B 294 -1.76 -18.83 13.85
C ASN B 294 -2.04 -18.23 12.46
N THR B 295 -1.84 -16.92 12.32
CA THR B 295 -2.10 -16.31 11.03
C THR B 295 -0.97 -16.57 10.05
N SER B 296 -1.33 -16.74 8.78
CA SER B 296 -0.34 -16.87 7.72
C SER B 296 -0.90 -16.20 6.47
N TYR B 297 0.04 -15.79 5.61
CA TYR B 297 -0.31 -15.14 4.35
C TYR B 297 0.71 -15.52 3.30
N THR B 298 0.22 -15.90 2.12
CA THR B 298 1.09 -16.06 0.96
C THR B 298 0.37 -15.45 -0.22
N LYS B 299 1.11 -15.18 -1.29
CA LYS B 299 0.48 -14.64 -2.47
C LYS B 299 1.23 -15.14 -3.67
N ASP B 300 0.61 -14.98 -4.83
CA ASP B 300 1.29 -15.25 -6.08
C ASP B 300 0.81 -14.23 -7.10
N GLU B 301 1.73 -13.78 -7.95
CA GLU B 301 1.42 -12.85 -9.04
C GLU B 301 1.77 -13.54 -10.35
N VAL B 302 0.77 -13.79 -11.18
CA VAL B 302 0.96 -14.51 -12.44
C VAL B 302 0.34 -13.67 -13.54
N ASN B 303 1.11 -13.39 -14.57
CA ASN B 303 0.52 -12.54 -15.61
C ASN B 303 -0.20 -13.30 -16.72
#